data_1T38
#
_entry.id   1T38
#
_cell.length_a   115.698
_cell.length_b   115.698
_cell.length_c   106.775
_cell.angle_alpha   90.00
_cell.angle_beta   90.00
_cell.angle_gamma   90.00
#
_symmetry.space_group_name_H-M   'I 41 2 2'
#
loop_
_entity.id
_entity.type
_entity.pdbx_description
1 polymer "5'-D(*GP*CP*CP*AP*TP*GP*(6OG)P*CP*TP*AP*GP*TP*A)-3'"
2 polymer "5'-D(*TP*AP*CP*TP*AP*GP*CP*CP*AP*TP*GP*GP*C)-3'"
3 polymer 'Methylated-DNA--protein-cysteine methyltransferase'
4 water water
#
loop_
_entity_poly.entity_id
_entity_poly.type
_entity_poly.pdbx_seq_one_letter_code
_entity_poly.pdbx_strand_id
1 'polydeoxyribonucleotide' (DG)(DC)(DC)(DA)(DT)(DG)(6OG)(DC)(DT)(DA)(DG)(DT)(DA) B
2 'polydeoxyribonucleotide' (DT)(DA)(DC)(DT)(DA)(DG)(DC)(DC)(DA)(DT)(DG)(DG)(DC) C
3 'polypeptide(L)'
;MRGSHHHHHHGSMDKDCEMKRTTLDSPLGKLELSGCEQGLHEIKLLGKGTSAADAVEVPAPAAVLGGPEPLMQCTAWLNA
YFHQPEAIEEFPVPALHHPVFQQESFTRQVLWKLLKVVKFGEVISYQQLAALAGNPKAARAVGGAMRGNPVPILIPSHRV
VCSSGAVGNYSGGLAVKEWLLAHEGHRL
;
A
#
loop_
_chem_comp.id
_chem_comp.type
_chem_comp.name
_chem_comp.formula
6OG DNA linking '6-O-METHYL GUANOSINE-5'-MONOPHOSPHATE' 'C11 H16 N5 O7 P'
DA DNA linking 2'-DEOXYADENOSINE-5'-MONOPHOSPHATE 'C10 H14 N5 O6 P'
DC DNA linking 2'-DEOXYCYTIDINE-5'-MONOPHOSPHATE 'C9 H14 N3 O7 P'
DG DNA linking 2'-DEOXYGUANOSINE-5'-MONOPHOSPHATE 'C10 H14 N5 O7 P'
DT DNA linking THYMIDINE-5'-MONOPHOSPHATE 'C10 H15 N2 O8 P'
#
# COMPACT_ATOMS: atom_id res chain seq x y z
P 6OG A 7 -16.32 3.40 -0.95
OP1 6OG A 7 -15.88 2.03 -1.33
OP2 6OG A 7 -17.66 3.60 -0.30
O5' 6OG A 7 -15.21 4.07 -0.01
N9 6OG A 7 -11.61 4.11 0.77
C4 6OG A 7 -10.34 3.84 1.18
N3 6OG A 7 -9.58 4.62 1.96
C2 6OG A 7 -8.40 4.08 2.20
N2 6OG A 7 -7.52 4.73 2.97
N1 6OG A 7 -8.01 2.87 1.69
C6 6OG A 7 -8.79 2.06 0.87
O6 6OG A 7 -8.30 0.88 0.43
C5 6OG A 7 -10.04 2.61 0.63
N7 6OG A 7 -11.10 2.14 -0.11
C8 6OG A 7 -12.01 3.06 -0.01
C2' 6OG A 7 -13.11 5.97 -0.01
C5' 6OG A 7 -15.56 4.50 1.30
C4' 6OG A 7 -14.60 5.55 1.78
O4' 6OG A 7 -13.33 4.94 2.07
C1' 6OG A 7 -12.37 5.31 1.12
C3' 6OG A 7 -14.30 6.57 0.72
O3' 6OG A 7 -13.92 7.77 1.35
C 6OG A 7 -6.98 0.47 0.79
N GLU C 18 5.38 -12.49 -18.48
CA GLU C 18 4.52 -13.67 -18.12
C GLU C 18 4.15 -13.65 -16.64
N MET C 19 2.87 -13.39 -16.38
CA MET C 19 2.30 -13.32 -15.01
C MET C 19 2.49 -14.61 -14.19
N LYS C 20 3.04 -14.45 -12.99
CA LYS C 20 3.27 -15.57 -12.06
C LYS C 20 2.66 -15.19 -10.70
N ARG C 21 2.11 -16.17 -9.98
CA ARG C 21 1.50 -15.91 -8.68
C ARG C 21 2.10 -16.77 -7.57
N THR C 22 2.09 -16.24 -6.35
CA THR C 22 2.61 -16.96 -5.19
C THR C 22 1.91 -16.50 -3.91
N THR C 23 1.64 -17.46 -3.03
CA THR C 23 0.98 -17.16 -1.77
C THR C 23 2.03 -17.10 -0.66
N LEU C 24 1.65 -16.54 0.47
CA LEU C 24 2.53 -16.43 1.62
C LEU C 24 1.67 -16.13 2.84
N ASP C 25 1.83 -16.92 3.90
CA ASP C 25 1.06 -16.72 5.12
C ASP C 25 1.43 -15.41 5.81
N SER C 26 0.47 -14.82 6.50
CA SER C 26 0.70 -13.56 7.18
C SER C 26 -0.40 -13.35 8.22
N PRO C 27 -0.22 -12.36 9.13
CA PRO C 27 -1.20 -12.07 10.17
C PRO C 27 -2.54 -11.71 9.54
N LEU C 28 -2.52 -11.25 8.30
CA LEU C 28 -3.74 -10.90 7.62
C LEU C 28 -4.31 -12.12 6.89
N GLY C 29 -3.53 -13.18 6.79
CA GLY C 29 -4.02 -14.36 6.10
C GLY C 29 -3.24 -14.52 4.82
N LYS C 30 -3.47 -15.61 4.12
CA LYS C 30 -2.73 -15.86 2.89
C LYS C 30 -2.67 -14.71 1.90
N LEU C 31 -1.51 -14.08 1.79
CA LEU C 31 -1.30 -12.99 0.85
C LEU C 31 -0.79 -13.55 -0.48
N GLU C 32 -1.50 -13.30 -1.58
CA GLU C 32 -1.08 -13.80 -2.89
C GLU C 32 -0.50 -12.69 -3.77
N LEU C 33 0.79 -12.80 -4.08
CA LEU C 33 1.50 -11.82 -4.89
C LEU C 33 1.71 -12.20 -6.34
N SER C 34 1.01 -11.51 -7.24
CA SER C 34 1.13 -11.77 -8.67
C SER C 34 2.14 -10.82 -9.33
N GLY C 35 2.90 -11.33 -10.30
CA GLY C 35 3.88 -10.49 -10.98
C GLY C 35 4.87 -11.25 -11.86
N CYS C 36 5.41 -10.57 -12.87
CA CYS C 36 6.39 -11.16 -13.79
C CYS C 36 7.75 -10.50 -13.62
N GLU C 37 8.74 -10.96 -14.39
CA GLU C 37 10.12 -10.44 -14.33
C GLU C 37 10.24 -8.92 -14.41
N GLN C 38 9.20 -8.30 -14.94
CA GLN C 38 9.19 -6.86 -15.13
C GLN C 38 8.85 -6.04 -13.88
N GLY C 39 8.10 -6.64 -12.95
CA GLY C 39 7.72 -5.96 -11.72
C GLY C 39 6.53 -6.60 -11.00
N LEU C 40 6.19 -6.07 -9.83
CA LEU C 40 5.04 -6.59 -9.06
C LEU C 40 3.73 -6.13 -9.69
N HIS C 41 2.87 -7.09 -9.96
CA HIS C 41 1.59 -6.78 -10.57
C HIS C 41 0.52 -6.38 -9.54
N GLU C 42 0.28 -7.22 -8.53
CA GLU C 42 -0.77 -6.92 -7.56
C GLU C 42 -0.72 -7.77 -6.27
N ILE C 43 -0.77 -7.11 -5.11
CA ILE C 43 -0.80 -7.79 -3.81
C ILE C 43 -2.26 -7.99 -3.41
N LYS C 44 -2.72 -9.25 -3.36
CA LYS C 44 -4.11 -9.52 -3.02
C LYS C 44 -4.16 -10.32 -1.73
N LEU C 45 -5.22 -10.14 -0.95
CA LEU C 45 -5.41 -10.85 0.32
C LEU C 45 -6.49 -11.93 0.13
N LEU C 46 -6.13 -13.18 0.42
CA LEU C 46 -7.03 -14.33 0.27
C LEU C 46 -7.81 -14.78 1.52
N GLY C 47 -7.12 -14.92 2.65
CA GLY C 47 -7.77 -15.36 3.88
C GLY C 47 -8.34 -16.79 3.82
N PRO C 68 10.51 -14.73 -9.90
CA PRO C 68 11.31 -13.62 -10.39
C PRO C 68 11.85 -12.71 -9.28
N GLU C 69 12.59 -11.67 -9.67
CA GLU C 69 13.19 -10.72 -8.73
C GLU C 69 12.24 -9.84 -7.90
N PRO C 70 11.10 -9.40 -8.47
CA PRO C 70 10.16 -8.56 -7.70
C PRO C 70 9.53 -9.33 -6.55
N LEU C 71 9.09 -10.55 -6.84
CA LEU C 71 8.49 -11.42 -5.85
C LEU C 71 9.46 -11.74 -4.73
N MET C 72 10.72 -11.97 -5.07
CA MET C 72 11.75 -12.27 -4.08
C MET C 72 12.01 -11.08 -3.15
N GLN C 73 11.80 -9.87 -3.66
CA GLN C 73 12.02 -8.68 -2.85
C GLN C 73 10.76 -8.39 -2.04
N CYS C 74 9.61 -8.56 -2.67
CA CYS C 74 8.32 -8.32 -2.03
C CYS C 74 8.11 -9.33 -0.90
N THR C 75 8.24 -10.61 -1.23
CA THR C 75 8.08 -11.69 -0.25
C THR C 75 9.08 -11.55 0.90
N ALA C 76 9.92 -10.54 0.82
CA ALA C 76 10.90 -10.30 1.87
C ALA C 76 10.55 -8.99 2.56
N TRP C 77 10.02 -8.03 1.79
CA TRP C 77 9.63 -6.73 2.32
C TRP C 77 8.49 -6.89 3.32
N LEU C 78 7.49 -7.68 2.93
CA LEU C 78 6.32 -7.99 3.76
C LEU C 78 6.76 -8.84 4.94
N ASN C 79 7.37 -9.96 4.65
CA ASN C 79 7.86 -10.87 5.68
C ASN C 79 8.67 -10.06 6.71
N ALA C 80 9.14 -8.90 6.26
CA ALA C 80 9.91 -8.00 7.11
C ALA C 80 8.93 -7.11 7.86
N TYR C 81 8.11 -6.39 7.10
CA TYR C 81 7.11 -5.46 7.63
C TYR C 81 6.28 -6.01 8.80
N PHE C 82 5.86 -7.27 8.68
CA PHE C 82 5.06 -7.92 9.71
C PHE C 82 5.85 -8.45 10.90
N HIS C 83 6.92 -9.19 10.58
CA HIS C 83 7.75 -9.84 11.58
C HIS C 83 9.06 -9.19 12.00
N GLN C 84 9.34 -8.00 11.48
CA GLN C 84 10.56 -7.28 11.78
C GLN C 84 10.36 -5.86 11.26
N PRO C 85 9.28 -5.19 11.69
CA PRO C 85 8.99 -3.83 11.25
C PRO C 85 10.09 -2.85 11.64
N GLU C 86 10.79 -3.18 12.72
CA GLU C 86 11.87 -2.35 13.26
C GLU C 86 12.83 -1.89 12.17
N ALA C 87 13.10 -2.77 11.21
CA ALA C 87 14.02 -2.45 10.12
C ALA C 87 13.42 -2.74 8.75
N ILE C 88 12.54 -1.87 8.29
CA ILE C 88 11.90 -2.05 7.00
C ILE C 88 12.57 -1.21 5.91
N GLU C 89 13.45 -0.31 6.33
CA GLU C 89 14.17 0.56 5.41
C GLU C 89 15.29 -0.19 4.72
N GLU C 90 15.79 -1.23 5.39
CA GLU C 90 16.88 -2.06 4.90
C GLU C 90 16.46 -2.86 3.65
N PHE C 91 15.16 -3.04 3.47
CA PHE C 91 14.64 -3.80 2.34
C PHE C 91 14.27 -2.97 1.12
N PRO C 92 14.48 -3.56 -0.07
CA PRO C 92 14.22 -2.98 -1.39
C PRO C 92 12.76 -2.99 -1.85
N VAL C 93 12.25 -1.82 -2.21
CA VAL C 93 10.88 -1.69 -2.70
C VAL C 93 10.88 -2.18 -4.13
N PRO C 94 10.14 -3.27 -4.41
CA PRO C 94 10.08 -3.85 -5.75
C PRO C 94 9.60 -2.94 -6.90
N ALA C 95 9.92 -3.37 -8.12
CA ALA C 95 9.53 -2.64 -9.31
C ALA C 95 8.05 -2.95 -9.47
N LEU C 96 7.27 -1.92 -9.70
CA LEU C 96 5.83 -2.10 -9.86
C LEU C 96 5.49 -2.16 -11.34
N HIS C 97 4.85 -3.24 -11.76
CA HIS C 97 4.50 -3.43 -13.16
C HIS C 97 3.09 -3.06 -13.57
N HIS C 98 2.11 -3.28 -12.68
CA HIS C 98 0.70 -2.99 -12.97
C HIS C 98 0.45 -1.79 -13.92
N PRO C 99 -0.53 -1.95 -14.84
CA PRO C 99 -0.92 -0.92 -15.81
C PRO C 99 -1.30 0.43 -15.24
N VAL C 100 -1.21 0.58 -13.93
CA VAL C 100 -1.54 1.83 -13.26
C VAL C 100 -0.33 2.74 -13.21
N PHE C 101 0.85 2.12 -13.14
CA PHE C 101 2.11 2.83 -13.05
C PHE C 101 2.68 3.23 -14.41
N GLN C 102 2.07 2.72 -15.47
CA GLN C 102 2.52 3.00 -16.84
C GLN C 102 1.91 4.28 -17.41
N GLN C 103 0.58 4.37 -17.46
CA GLN C 103 -0.10 5.55 -17.97
C GLN C 103 -0.06 6.67 -16.92
N GLU C 104 0.37 7.86 -17.31
CA GLU C 104 0.43 8.98 -16.36
C GLU C 104 -0.98 9.50 -16.02
N SER C 105 -1.22 9.70 -14.73
CA SER C 105 -2.50 10.18 -14.23
C SER C 105 -2.36 10.78 -12.83
N PHE C 106 -3.51 11.05 -12.21
CA PHE C 106 -3.57 11.58 -10.86
C PHE C 106 -3.26 10.39 -9.96
N THR C 107 -3.99 9.30 -10.19
CA THR C 107 -3.84 8.04 -9.47
C THR C 107 -2.36 7.72 -9.34
N ARG C 108 -1.66 7.66 -10.47
CA ARG C 108 -0.25 7.35 -10.45
C ARG C 108 0.53 8.33 -9.60
N GLN C 109 0.25 9.63 -9.77
CA GLN C 109 0.96 10.62 -8.98
C GLN C 109 0.69 10.35 -7.50
N VAL C 110 -0.57 10.10 -7.16
CA VAL C 110 -0.98 9.81 -5.80
C VAL C 110 -0.24 8.63 -5.20
N LEU C 111 -0.51 7.43 -5.72
CA LEU C 111 0.15 6.22 -5.25
C LEU C 111 1.64 6.43 -5.06
N TRP C 112 2.25 7.18 -5.98
CA TRP C 112 3.67 7.48 -5.92
C TRP C 112 3.92 8.49 -4.81
N LYS C 113 3.27 9.65 -4.93
CA LYS C 113 3.45 10.71 -3.95
C LYS C 113 3.13 10.27 -2.52
N LEU C 114 2.50 9.09 -2.40
CA LEU C 114 2.17 8.52 -1.10
C LEU C 114 3.27 7.56 -0.66
N LEU C 115 3.61 6.60 -1.52
CA LEU C 115 4.64 5.60 -1.19
C LEU C 115 5.93 6.27 -0.78
N LYS C 116 6.24 7.38 -1.44
CA LYS C 116 7.44 8.13 -1.13
C LYS C 116 7.30 8.82 0.22
N VAL C 117 6.40 9.78 0.29
CA VAL C 117 6.21 10.57 1.49
C VAL C 117 5.95 9.82 2.80
N VAL C 118 4.84 9.08 2.87
CA VAL C 118 4.42 8.36 4.10
C VAL C 118 5.03 7.03 4.45
N LYS C 119 5.66 7.00 5.62
CA LYS C 119 6.34 5.82 6.11
C LYS C 119 5.84 5.34 7.47
N PHE C 120 6.13 4.07 7.78
CA PHE C 120 5.76 3.38 9.02
C PHE C 120 5.46 4.21 10.27
N GLY C 121 4.21 4.16 10.72
CA GLY C 121 3.84 4.92 11.90
C GLY C 121 3.25 6.26 11.56
N GLU C 122 3.48 6.74 10.34
CA GLU C 122 2.94 8.02 9.88
C GLU C 122 1.56 7.83 9.28
N VAL C 123 0.86 8.94 9.05
CA VAL C 123 -0.49 8.92 8.48
C VAL C 123 -0.78 10.24 7.79
N ILE C 124 -1.51 10.19 6.68
CA ILE C 124 -1.82 11.39 5.92
C ILE C 124 -3.27 11.41 5.46
N SER C 125 -3.94 12.53 5.69
CA SER C 125 -5.35 12.69 5.34
C SER C 125 -5.57 12.72 3.86
N TYR C 126 -6.74 12.28 3.42
CA TYR C 126 -7.08 12.26 2.00
C TYR C 126 -6.74 13.61 1.35
N GLN C 127 -7.09 14.70 2.04
CA GLN C 127 -6.83 16.05 1.57
C GLN C 127 -5.33 16.35 1.59
N GLN C 128 -4.66 15.94 2.65
CA GLN C 128 -3.23 16.17 2.78
C GLN C 128 -2.49 15.47 1.64
N LEU C 129 -3.13 14.44 1.08
CA LEU C 129 -2.55 13.67 -0.02
C LEU C 129 -3.01 14.21 -1.38
N ALA C 130 -4.12 14.94 -1.39
CA ALA C 130 -4.62 15.52 -2.63
C ALA C 130 -3.63 16.64 -2.94
N ALA C 131 -3.35 17.46 -1.94
CA ALA C 131 -2.41 18.56 -2.03
C ALA C 131 -1.05 18.11 -2.57
N LEU C 132 -0.63 16.93 -2.15
CA LEU C 132 0.66 16.39 -2.58
C LEU C 132 0.70 16.02 -4.04
N ALA C 133 -0.27 15.23 -4.49
CA ALA C 133 -0.29 14.80 -5.88
C ALA C 133 -0.59 15.94 -6.85
N GLY C 134 -1.29 16.95 -6.37
CA GLY C 134 -1.64 18.08 -7.22
C GLY C 134 -2.85 18.86 -6.73
N ASN C 135 -4.04 18.48 -7.20
CA ASN C 135 -5.29 19.13 -6.85
C ASN C 135 -5.68 18.89 -5.39
N PRO C 136 -5.49 19.90 -4.52
CA PRO C 136 -5.81 19.83 -3.09
C PRO C 136 -7.31 19.67 -2.80
N LYS C 137 -8.13 19.78 -3.83
CA LYS C 137 -9.58 19.65 -3.67
C LYS C 137 -10.00 18.20 -3.93
N ALA C 138 -9.23 17.53 -4.78
CA ALA C 138 -9.46 16.15 -5.20
C ALA C 138 -9.18 15.07 -4.17
N ALA C 139 -9.49 15.36 -2.91
CA ALA C 139 -9.27 14.39 -1.86
C ALA C 139 -10.18 13.21 -2.13
N ARG C 140 -11.42 13.49 -2.51
CA ARG C 140 -12.40 12.44 -2.76
C ARG C 140 -11.93 11.40 -3.78
N ALA C 141 -11.38 11.85 -4.91
CA ALA C 141 -10.91 10.94 -5.95
C ALA C 141 -9.74 10.07 -5.48
N VAL C 142 -9.12 10.46 -4.36
CA VAL C 142 -8.01 9.70 -3.79
C VAL C 142 -8.64 8.44 -3.23
N GLY C 143 -9.89 8.56 -2.81
CA GLY C 143 -10.63 7.42 -2.27
C GLY C 143 -10.56 6.24 -3.22
N GLY C 144 -11.08 6.45 -4.44
CA GLY C 144 -11.05 5.41 -5.43
C GLY C 144 -9.62 5.07 -5.82
N ALA C 145 -8.72 6.02 -5.67
CA ALA C 145 -7.32 5.78 -5.99
C ALA C 145 -6.82 4.67 -5.09
N MET C 146 -7.12 4.82 -3.80
CA MET C 146 -6.76 3.87 -2.76
C MET C 146 -7.59 2.60 -2.94
N ARG C 147 -8.86 2.79 -3.28
CA ARG C 147 -9.75 1.67 -3.51
C ARG C 147 -9.12 0.83 -4.59
N GLY C 148 -8.68 1.52 -5.64
CA GLY C 148 -8.06 0.84 -6.77
C GLY C 148 -6.63 0.38 -6.61
N ASN C 149 -5.93 0.89 -5.59
CA ASN C 149 -4.54 0.54 -5.32
C ASN C 149 -4.33 -0.98 -5.39
N PRO C 150 -3.51 -1.42 -6.34
CA PRO C 150 -3.23 -2.84 -6.52
C PRO C 150 -2.09 -3.35 -5.69
N VAL C 151 -1.56 -2.52 -4.80
CA VAL C 151 -0.44 -2.95 -3.94
C VAL C 151 -0.54 -2.43 -2.52
N PRO C 152 -1.58 -2.86 -1.80
CA PRO C 152 -1.83 -2.46 -0.41
C PRO C 152 -0.74 -2.98 0.50
N ILE C 153 -0.52 -2.23 1.58
CA ILE C 153 0.51 -2.50 2.60
C ILE C 153 1.76 -1.86 2.07
N LEU C 154 2.26 -2.42 0.97
CA LEU C 154 3.48 -1.95 0.30
C LEU C 154 3.28 -0.47 0.11
N ILE C 155 2.32 -0.12 -0.73
CA ILE C 155 1.99 1.27 -0.92
C ILE C 155 0.97 1.44 0.17
N PRO C 156 1.39 2.01 1.31
CA PRO C 156 0.52 2.22 2.47
C PRO C 156 -0.74 3.00 2.19
N SER C 157 -1.82 2.26 1.99
CA SER C 157 -3.13 2.86 1.73
C SER C 157 -3.77 2.93 3.11
N HIS C 158 -3.31 2.07 4.00
CA HIS C 158 -3.86 2.07 5.33
C HIS C 158 -3.46 3.29 6.14
N ARG C 159 -2.43 4.01 5.70
CA ARG C 159 -1.99 5.20 6.42
C ARG C 159 -2.78 6.45 6.04
N VAL C 160 -3.67 6.30 5.05
CA VAL C 160 -4.52 7.41 4.58
C VAL C 160 -5.79 7.31 5.39
N VAL C 161 -6.10 8.38 6.12
CA VAL C 161 -7.28 8.40 6.98
C VAL C 161 -8.11 9.67 6.80
N CYS C 162 -9.31 9.69 7.39
CA CYS C 162 -10.22 10.83 7.30
C CYS C 162 -9.59 12.05 7.92
N SER C 163 -9.90 13.23 7.39
CA SER C 163 -9.34 14.48 7.89
C SER C 163 -9.68 14.77 9.35
N SER C 164 -10.88 14.31 9.74
CA SER C 164 -11.40 14.50 11.10
C SER C 164 -10.62 13.69 12.12
N GLY C 165 -9.56 13.05 11.66
CA GLY C 165 -8.75 12.21 12.53
C GLY C 165 -9.28 10.78 12.45
N ALA C 166 -10.54 10.63 12.05
CA ALA C 166 -11.19 9.33 11.93
C ALA C 166 -10.40 8.41 11.02
N VAL C 167 -10.25 7.15 11.43
CA VAL C 167 -9.51 6.14 10.66
C VAL C 167 -9.95 5.98 9.22
N GLY C 168 -11.25 6.10 8.94
CA GLY C 168 -11.74 5.97 7.58
C GLY C 168 -11.98 4.53 7.16
N ASN C 169 -12.63 4.33 6.01
CA ASN C 169 -12.96 2.98 5.54
C ASN C 169 -11.79 2.33 4.83
N TYR C 170 -11.95 1.10 4.36
CA TYR C 170 -10.83 0.44 3.72
C TYR C 170 -11.20 -0.72 2.80
N SER C 171 -10.71 -0.66 1.55
CA SER C 171 -11.00 -1.67 0.52
C SER C 171 -11.10 -3.12 0.98
N GLY C 172 -9.99 -3.74 1.32
CA GLY C 172 -10.03 -5.13 1.74
C GLY C 172 -10.74 -5.40 3.06
N GLY C 173 -11.68 -4.52 3.42
CA GLY C 173 -12.42 -4.67 4.66
C GLY C 173 -11.74 -3.99 5.86
N LEU C 174 -12.39 -2.95 6.37
CA LEU C 174 -11.94 -2.15 7.51
C LEU C 174 -11.15 -2.76 8.64
N ALA C 175 -11.37 -4.03 8.96
CA ALA C 175 -10.62 -4.65 10.06
C ALA C 175 -9.13 -4.50 9.84
N VAL C 176 -8.71 -4.80 8.62
CA VAL C 176 -7.32 -4.71 8.22
C VAL C 176 -6.73 -3.34 8.51
N LYS C 177 -7.26 -2.30 7.89
CA LYS C 177 -6.76 -0.95 8.09
C LYS C 177 -6.51 -0.67 9.56
N GLU C 178 -7.39 -1.19 10.42
CA GLU C 178 -7.21 -0.98 11.83
C GLU C 178 -6.05 -1.80 12.37
N TRP C 179 -6.07 -3.11 12.12
CA TRP C 179 -5.00 -3.95 12.63
C TRP C 179 -3.66 -3.44 12.19
N LEU C 180 -3.58 -2.92 10.97
CA LEU C 180 -2.33 -2.41 10.49
C LEU C 180 -1.87 -1.21 11.31
N LEU C 181 -2.66 -0.14 11.36
CA LEU C 181 -2.31 1.05 12.15
C LEU C 181 -1.97 0.68 13.61
N ALA C 182 -2.72 -0.23 14.19
CA ALA C 182 -2.44 -0.67 15.55
C ALA C 182 -1.05 -1.27 15.50
N HIS C 183 -0.79 -2.02 14.45
CA HIS C 183 0.49 -2.67 14.26
C HIS C 183 1.61 -1.66 14.25
N GLU C 184 1.36 -0.55 13.55
CA GLU C 184 2.32 0.52 13.41
C GLU C 184 2.32 1.44 14.63
N GLY C 185 2.14 0.84 15.80
CA GLY C 185 2.15 1.60 17.04
C GLY C 185 1.07 2.61 17.31
N HIS C 186 -0.02 2.60 16.56
CA HIS C 186 -1.09 3.56 16.81
C HIS C 186 -2.05 3.14 17.92
N ARG C 187 -2.46 4.12 18.71
CA ARG C 187 -3.36 3.94 19.83
C ARG C 187 -4.82 3.91 19.37
N LEU C 188 -5.55 2.90 19.83
CA LEU C 188 -6.97 2.75 19.49
C LEU C 188 -7.73 2.11 20.68
#